data_1DCC
#
_entry.id   1DCC
#
_cell.length_a   104.722
_cell.length_b   74.446
_cell.length_c   45.170
_cell.angle_alpha   90.00
_cell.angle_beta   90.00
_cell.angle_gamma   90.00
#
_symmetry.space_group_name_H-M   'P 21 21 21'
#
loop_
_entity.id
_entity.type
_entity.pdbx_description
1 polymer 'CYTOCHROME C PEROXIDASE'
2 non-polymer 'OXYGEN MOLECULE'
3 non-polymer 'PROTOPORPHYRIN IX CONTAINING FE'
4 water water
#
_entity_poly.entity_id   1
_entity_poly.type   'polypeptide(L)'
_entity_poly.pdbx_seq_one_letter_code
;MITTPLVHVASVEKGRSYEDFQKVYNAIALKLREDDEYDNYIGYGPVLVRLAWHISGTWDKHDNTGGSYGGTYRFKKEFN
DPSNAGLQNGFKFLEPIHKEFPWISSGDLFSLGGVTAVQEMQGPKIPWRCGRVDTPEDTTPDNGRLPDADKDAGYVRTFF
QRLNMNDREVVALMGAHALGKTHLKNSGYEGPFGAANNVFTNEFYLNLLNEDWKLEKNDANNEQWDSKSGYMMLPTDYSL
IQDPKYLSIVKEYANDQDKFFKDFSKAFEKLLENGITFPKDAPSPFIFKTLEEQGL
;
_entity_poly.pdbx_strand_id   A
#
loop_
_chem_comp.id
_chem_comp.type
_chem_comp.name
_chem_comp.formula
HEM non-polymer 'PROTOPORPHYRIN IX CONTAINING FE' 'C34 H32 Fe N4 O4'
OXY non-polymer 'OXYGEN MOLECULE' O2
#
# COMPACT_ATOMS: atom_id res chain seq x y z
N LEU A 6 -7.79 -9.22 20.96
CA LEU A 6 -8.79 -8.17 20.88
C LEU A 6 -9.83 -8.60 19.86
N VAL A 7 -10.95 -7.90 19.77
CA VAL A 7 -11.94 -8.21 18.77
C VAL A 7 -12.27 -6.83 18.21
N HIS A 8 -12.08 -6.54 16.92
CA HIS A 8 -12.40 -5.23 16.35
C HIS A 8 -13.56 -5.43 15.42
N VAL A 9 -14.72 -4.96 15.84
CA VAL A 9 -15.91 -5.12 15.04
C VAL A 9 -16.18 -3.91 14.17
N ALA A 10 -16.38 -4.14 12.89
CA ALA A 10 -16.63 -3.05 12.00
C ALA A 10 -17.95 -2.40 12.27
N SER A 11 -17.95 -1.08 12.42
CA SER A 11 -19.18 -0.39 12.68
C SER A 11 -19.43 0.70 11.65
N VAL A 12 -20.40 0.55 10.77
CA VAL A 12 -20.63 1.60 9.79
C VAL A 12 -20.83 3.01 10.36
N GLU A 13 -20.27 4.02 9.67
CA GLU A 13 -20.39 5.42 10.05
C GLU A 13 -21.91 5.62 10.02
N LYS A 14 -22.44 6.06 11.15
CA LYS A 14 -23.85 6.24 11.27
C LYS A 14 -24.57 7.00 10.19
N GLY A 15 -25.50 6.32 9.55
CA GLY A 15 -26.28 6.96 8.50
C GLY A 15 -25.60 7.06 7.16
N ARG A 16 -24.44 6.47 6.97
CA ARG A 16 -23.85 6.62 5.67
C ARG A 16 -23.97 5.40 4.81
N SER A 17 -24.03 5.65 3.49
CA SER A 17 -24.13 4.59 2.50
C SER A 17 -23.03 4.73 1.45
N TYR A 18 -23.16 3.91 0.40
CA TYR A 18 -22.27 3.85 -0.75
C TYR A 18 -21.97 5.26 -1.27
N GLU A 19 -23.03 5.93 -1.75
CA GLU A 19 -23.00 7.29 -2.28
C GLU A 19 -22.17 8.19 -1.35
N ASP A 20 -22.30 8.05 -0.04
CA ASP A 20 -21.48 8.91 0.81
C ASP A 20 -20.01 8.59 0.58
N PHE A 21 -19.64 7.31 0.59
CA PHE A 21 -18.26 6.95 0.35
C PHE A 21 -17.72 7.34 -1.04
N GLN A 22 -18.51 7.17 -2.10
CA GLN A 22 -18.08 7.51 -3.45
C GLN A 22 -17.67 8.94 -3.56
N LYS A 23 -18.29 9.75 -2.72
CA LYS A 23 -17.99 11.15 -2.71
C LYS A 23 -16.65 11.32 -2.03
N VAL A 24 -16.29 10.55 -1.01
CA VAL A 24 -14.98 10.77 -0.44
C VAL A 24 -13.96 10.38 -1.50
N TYR A 25 -14.16 9.22 -2.13
CA TYR A 25 -13.30 8.74 -3.19
C TYR A 25 -13.12 9.83 -4.28
N ASN A 26 -14.22 10.43 -4.72
CA ASN A 26 -14.19 11.44 -5.75
C ASN A 26 -13.30 12.58 -5.34
N ALA A 27 -13.37 12.99 -4.08
CA ALA A 27 -12.54 14.08 -3.58
C ALA A 27 -11.05 13.72 -3.55
N ILE A 28 -10.75 12.50 -3.15
CA ILE A 28 -9.36 12.12 -3.12
C ILE A 28 -8.93 12.10 -4.59
N ALA A 29 -9.71 11.46 -5.46
CA ALA A 29 -9.38 11.37 -6.89
C ALA A 29 -9.13 12.71 -7.58
N LEU A 30 -10.05 13.64 -7.36
CA LEU A 30 -9.92 14.94 -7.97
C LEU A 30 -8.70 15.62 -7.42
N LYS A 31 -8.40 15.39 -6.15
CA LYS A 31 -7.20 16.05 -5.66
C LYS A 31 -5.93 15.36 -6.18
N LEU A 32 -6.03 14.09 -6.58
CA LEU A 32 -4.81 13.45 -7.09
C LEU A 32 -4.52 14.07 -8.46
N ARG A 33 -5.57 14.30 -9.24
CA ARG A 33 -5.49 14.88 -10.55
C ARG A 33 -4.90 16.27 -10.52
N GLU A 34 -5.33 17.09 -9.56
CA GLU A 34 -4.85 18.45 -9.43
C GLU A 34 -3.44 18.67 -8.88
N ASP A 35 -3.06 17.98 -7.82
CA ASP A 35 -1.73 18.21 -7.28
C ASP A 35 -0.73 17.28 -7.95
N ASP A 36 -0.48 17.42 -9.22
CA ASP A 36 0.44 16.51 -9.83
C ASP A 36 1.89 16.89 -9.77
N GLU A 37 2.27 18.02 -9.19
CA GLU A 37 3.69 18.42 -9.15
C GLU A 37 4.55 17.67 -8.14
N TYR A 38 3.87 17.10 -7.17
CA TYR A 38 4.46 16.34 -6.09
C TYR A 38 5.48 15.31 -6.57
N ASP A 39 6.65 15.34 -5.94
CA ASP A 39 7.79 14.48 -6.22
C ASP A 39 8.19 14.49 -7.68
N ASN A 40 8.53 15.64 -8.24
CA ASN A 40 8.89 15.60 -9.65
C ASN A 40 7.84 15.11 -10.61
N TYR A 41 6.59 15.50 -10.40
CA TYR A 41 5.58 15.04 -11.33
C TYR A 41 5.19 13.57 -11.23
N ILE A 42 5.44 12.93 -10.10
CA ILE A 42 4.99 11.56 -10.03
C ILE A 42 3.54 11.65 -9.50
N GLY A 43 3.24 12.60 -8.60
CA GLY A 43 1.89 12.72 -8.02
C GLY A 43 1.82 11.98 -6.69
N TYR A 44 0.76 12.17 -5.91
CA TYR A 44 0.75 11.46 -4.66
C TYR A 44 0.23 10.02 -4.65
N GLY A 45 -0.14 9.50 -5.82
CA GLY A 45 -0.65 8.15 -5.90
C GLY A 45 0.22 7.13 -5.20
N PRO A 46 1.49 7.05 -5.56
CA PRO A 46 2.30 6.08 -4.89
C PRO A 46 2.41 6.20 -3.38
N VAL A 47 2.68 7.40 -2.86
CA VAL A 47 2.79 7.59 -1.42
C VAL A 47 1.53 7.16 -0.65
N LEU A 48 0.39 7.32 -1.33
CA LEU A 48 -0.84 6.91 -0.67
C LEU A 48 -0.95 5.40 -0.65
N VAL A 49 -0.43 4.77 -1.68
CA VAL A 49 -0.52 3.32 -1.68
C VAL A 49 0.33 2.85 -0.52
N ARG A 50 1.51 3.41 -0.41
CA ARG A 50 2.37 3.01 0.68
C ARG A 50 1.76 3.30 2.03
N LEU A 51 1.08 4.44 2.09
CA LEU A 51 0.43 4.85 3.33
C LEU A 51 -0.56 3.79 3.73
N ALA A 52 -1.45 3.39 2.84
CA ALA A 52 -2.40 2.38 3.24
C ALA A 52 -1.77 1.05 3.63
N TRP A 53 -0.63 0.72 3.00
CA TRP A 53 0.01 -0.54 3.35
C TRP A 53 0.71 -0.35 4.72
N HIS A 54 1.39 0.78 4.93
CA HIS A 54 2.01 0.93 6.24
C HIS A 54 1.07 0.92 7.46
N ILE A 55 -0.10 1.55 7.34
CA ILE A 55 -1.06 1.60 8.44
C ILE A 55 -1.63 0.20 8.63
N SER A 56 -1.63 -0.66 7.60
CA SER A 56 -2.15 -2.01 7.80
C SER A 56 -1.12 -3.10 8.11
N GLY A 57 0.14 -2.76 7.87
CA GLY A 57 1.19 -3.73 8.11
C GLY A 57 1.66 -3.90 9.53
N THR A 58 1.07 -3.19 10.46
CA THR A 58 1.58 -3.40 11.79
C THR A 58 0.75 -4.46 12.45
N TRP A 59 -0.20 -5.06 11.71
CA TRP A 59 -1.05 -6.10 12.26
C TRP A 59 -0.27 -7.31 12.77
N ASP A 60 -0.78 -8.02 13.78
CA ASP A 60 -0.11 -9.20 14.28
C ASP A 60 -1.17 -10.27 14.50
N LYS A 61 -1.23 -11.25 13.59
CA LYS A 61 -2.20 -12.33 13.65
C LYS A 61 -2.18 -13.05 14.96
N HIS A 62 -1.09 -12.91 15.72
CA HIS A 62 -1.10 -13.61 16.98
C HIS A 62 -2.00 -13.05 18.07
N ASP A 63 -2.07 -11.73 18.27
CA ASP A 63 -2.92 -11.24 19.34
C ASP A 63 -3.87 -10.20 18.79
N ASN A 64 -3.99 -10.16 17.48
CA ASN A 64 -4.90 -9.18 16.97
C ASN A 64 -4.58 -7.69 17.08
N THR A 65 -3.39 -7.31 17.56
CA THR A 65 -2.99 -5.92 17.67
C THR A 65 -2.66 -5.32 16.29
N GLY A 66 -2.48 -4.00 16.16
CA GLY A 66 -2.15 -3.34 14.89
C GLY A 66 -3.19 -3.49 13.78
N GLY A 67 -2.82 -3.22 12.53
CA GLY A 67 -3.78 -3.34 11.45
C GLY A 67 -4.41 -1.98 11.28
N SER A 68 -5.21 -1.87 10.23
CA SER A 68 -5.87 -0.63 9.88
C SER A 68 -7.04 -0.13 10.69
N TYR A 69 -7.65 -1.00 11.46
CA TYR A 69 -8.82 -0.64 12.23
C TYR A 69 -8.94 0.64 12.97
N GLY A 70 -8.04 0.77 13.91
CA GLY A 70 -8.02 1.89 14.78
C GLY A 70 -7.50 3.19 14.26
N GLY A 71 -6.94 3.29 13.09
CA GLY A 71 -6.46 4.60 12.70
C GLY A 71 -5.40 5.20 13.60
N THR A 72 -4.63 4.30 14.17
CA THR A 72 -3.60 4.75 15.06
C THR A 72 -2.50 5.54 14.44
N TYR A 73 -2.34 5.47 13.13
CA TYR A 73 -1.27 6.23 12.53
C TYR A 73 -1.38 7.71 12.91
N ARG A 74 -2.54 8.13 13.42
CA ARG A 74 -2.70 9.52 13.80
C ARG A 74 -1.96 9.94 15.04
N PHE A 75 -1.58 8.95 15.87
CA PHE A 75 -0.86 9.23 17.10
C PHE A 75 0.63 9.32 16.88
N LYS A 76 1.26 10.23 17.64
CA LYS A 76 2.69 10.51 17.59
C LYS A 76 3.63 9.33 17.45
N LYS A 77 3.52 8.43 18.40
CA LYS A 77 4.35 7.26 18.39
C LYS A 77 4.35 6.52 17.07
N GLU A 78 3.19 6.32 16.44
CA GLU A 78 3.09 5.61 15.18
C GLU A 78 3.52 6.52 14.04
N PHE A 79 3.10 7.76 14.12
CA PHE A 79 3.45 8.72 13.10
C PHE A 79 4.94 8.96 12.90
N ASN A 80 5.61 8.97 14.04
CA ASN A 80 7.05 9.18 14.09
C ASN A 80 7.91 7.94 13.89
N ASP A 81 7.28 6.81 13.60
CA ASP A 81 8.02 5.60 13.35
C ASP A 81 9.00 5.84 12.20
N PRO A 82 10.28 5.59 12.44
CA PRO A 82 11.30 5.77 11.43
C PRO A 82 10.89 5.02 10.16
N SER A 83 10.26 3.84 10.26
CA SER A 83 9.82 3.14 9.05
C SER A 83 8.72 3.89 8.29
N ASN A 84 8.15 4.89 8.93
CA ASN A 84 7.10 5.61 8.27
C ASN A 84 7.61 6.96 7.76
N ALA A 85 8.93 7.10 7.74
CA ALA A 85 9.51 8.35 7.26
C ALA A 85 9.01 8.68 5.85
N GLY A 86 8.56 9.92 5.60
CA GLY A 86 8.05 10.31 4.29
C GLY A 86 6.51 10.16 4.20
N LEU A 87 5.88 9.33 5.04
CA LEU A 87 4.43 9.17 4.97
C LEU A 87 3.61 10.44 5.31
N GLN A 88 4.30 11.31 6.05
CA GLN A 88 3.74 12.57 6.50
C GLN A 88 3.17 13.32 5.33
N ASN A 89 3.79 13.11 4.18
CA ASN A 89 3.28 13.76 3.00
C ASN A 89 1.91 13.22 2.57
N GLY A 90 1.68 11.92 2.76
CA GLY A 90 0.38 11.39 2.36
C GLY A 90 -0.73 11.86 3.29
N PHE A 91 -0.31 12.01 4.53
CA PHE A 91 -1.17 12.45 5.57
C PHE A 91 -1.54 13.89 5.30
N LYS A 92 -0.58 14.75 5.00
CA LYS A 92 -0.99 16.13 4.74
C LYS A 92 -1.93 16.18 3.55
N PHE A 93 -1.68 15.31 2.60
CA PHE A 93 -2.58 15.35 1.47
C PHE A 93 -4.01 14.98 1.87
N LEU A 94 -4.21 14.08 2.81
CA LEU A 94 -5.56 13.72 3.18
C LEU A 94 -6.27 14.63 4.18
N GLU A 95 -5.55 15.47 4.91
CA GLU A 95 -6.13 16.37 5.92
C GLU A 95 -7.34 17.17 5.42
N PRO A 96 -7.17 17.94 4.38
CA PRO A 96 -8.28 18.73 3.87
C PRO A 96 -9.44 17.87 3.45
N ILE A 97 -9.11 16.64 3.08
CA ILE A 97 -10.19 15.78 2.67
C ILE A 97 -11.03 15.40 3.89
N HIS A 98 -10.28 15.16 4.97
CA HIS A 98 -10.86 14.79 6.23
C HIS A 98 -11.69 15.92 6.78
N LYS A 99 -11.16 17.16 6.71
CA LYS A 99 -11.88 18.34 7.18
C LYS A 99 -13.13 18.47 6.34
N GLU A 100 -13.13 17.98 5.11
CA GLU A 100 -14.35 18.12 4.32
C GLU A 100 -15.42 17.06 4.58
N PHE A 101 -15.00 15.90 5.07
CA PHE A 101 -15.88 14.79 5.40
C PHE A 101 -15.46 14.29 6.77
N PRO A 102 -15.75 15.10 7.78
CA PRO A 102 -15.36 14.77 9.12
C PRO A 102 -15.99 13.56 9.74
N TRP A 103 -17.04 13.01 9.13
CA TRP A 103 -17.69 11.84 9.70
C TRP A 103 -16.96 10.53 9.41
N ILE A 104 -16.01 10.52 8.48
CA ILE A 104 -15.31 9.27 8.18
C ILE A 104 -14.28 8.87 9.24
N SER A 105 -14.09 7.61 9.62
CA SER A 105 -13.07 7.34 10.62
C SER A 105 -11.69 7.48 10.01
N SER A 106 -10.62 7.66 10.78
CA SER A 106 -9.29 7.74 10.17
C SER A 106 -8.93 6.45 9.40
N GLY A 107 -9.00 5.27 10.03
CA GLY A 107 -8.67 4.03 9.34
C GLY A 107 -9.48 3.90 8.05
N ASP A 108 -10.74 4.30 8.01
CA ASP A 108 -11.39 4.17 6.72
C ASP A 108 -10.81 5.06 5.62
N LEU A 109 -10.48 6.33 5.97
CA LEU A 109 -9.89 7.34 5.09
C LEU A 109 -8.51 6.90 4.57
N PHE A 110 -7.62 6.42 5.44
CA PHE A 110 -6.30 6.01 4.99
C PHE A 110 -6.34 4.85 4.07
N SER A 111 -7.27 3.96 4.34
CA SER A 111 -7.33 2.80 3.50
C SER A 111 -7.96 3.12 2.17
N LEU A 112 -8.95 3.96 2.25
CA LEU A 112 -9.63 4.36 1.04
C LEU A 112 -8.71 5.09 0.05
N GLY A 113 -7.84 5.89 0.64
CA GLY A 113 -6.92 6.63 -0.20
C GLY A 113 -6.05 5.67 -1.02
N GLY A 114 -5.72 4.56 -0.37
CA GLY A 114 -4.90 3.55 -1.00
C GLY A 114 -5.70 2.95 -2.15
N VAL A 115 -6.97 2.66 -1.90
CA VAL A 115 -7.81 2.11 -2.95
C VAL A 115 -8.01 3.06 -4.12
N THR A 116 -8.17 4.34 -3.80
CA THR A 116 -8.39 5.32 -4.83
C THR A 116 -7.16 5.50 -5.67
N ALA A 117 -5.99 5.49 -5.04
CA ALA A 117 -4.77 5.68 -5.80
C ALA A 117 -4.61 4.59 -6.82
N VAL A 118 -4.80 3.39 -6.34
CA VAL A 118 -4.63 2.32 -7.29
C VAL A 118 -5.54 2.40 -8.52
N GLN A 119 -6.81 2.64 -8.22
CA GLN A 119 -7.77 2.71 -9.28
C GLN A 119 -7.57 3.83 -10.24
N GLU A 120 -7.21 4.97 -9.69
CA GLU A 120 -6.99 6.09 -10.57
C GLU A 120 -5.70 5.94 -11.37
N MET A 121 -4.81 5.06 -10.91
CA MET A 121 -3.55 4.83 -11.58
C MET A 121 -3.65 3.74 -12.61
N GLN A 122 -4.89 3.47 -13.00
CA GLN A 122 -5.21 2.46 -13.97
C GLN A 122 -5.14 1.03 -13.48
N GLY A 123 -5.06 0.86 -12.15
CA GLY A 123 -5.00 -0.48 -11.57
C GLY A 123 -6.36 -1.18 -11.61
N PRO A 124 -6.40 -2.36 -10.97
CA PRO A 124 -7.63 -3.13 -10.94
C PRO A 124 -8.61 -2.50 -9.95
N LYS A 125 -9.88 -2.85 -10.02
CA LYS A 125 -10.82 -2.32 -9.06
C LYS A 125 -10.58 -3.17 -7.82
N ILE A 126 -10.45 -2.52 -6.65
CA ILE A 126 -10.26 -3.13 -5.35
C ILE A 126 -11.55 -2.92 -4.52
N PRO A 127 -12.23 -4.01 -4.17
CA PRO A 127 -13.43 -3.89 -3.38
C PRO A 127 -12.99 -3.37 -2.01
N TRP A 128 -13.77 -2.47 -1.41
CA TRP A 128 -13.43 -1.90 -0.12
C TRP A 128 -14.60 -1.89 0.85
N ARG A 129 -14.28 -1.94 2.15
CA ARG A 129 -15.36 -1.94 3.12
C ARG A 129 -15.17 -0.90 4.19
N CYS A 130 -16.29 -0.26 4.54
CA CYS A 130 -16.24 0.77 5.57
C CYS A 130 -16.42 0.20 6.98
N GLY A 131 -16.20 0.94 8.07
CA GLY A 131 -16.43 0.25 9.32
C GLY A 131 -15.34 0.39 10.36
N ARG A 132 -14.17 0.86 9.94
CA ARG A 132 -13.06 1.02 10.88
C ARG A 132 -13.48 2.00 11.92
N VAL A 133 -12.97 1.88 13.14
CA VAL A 133 -13.40 2.82 14.15
C VAL A 133 -12.18 3.30 14.88
N ASP A 134 -12.10 4.60 15.01
CA ASP A 134 -10.96 5.20 15.68
C ASP A 134 -10.76 4.72 17.11
N THR A 135 -9.58 4.17 17.47
CA THR A 135 -9.32 3.71 18.83
C THR A 135 -8.38 4.71 19.48
N PRO A 136 -8.24 4.61 20.78
CA PRO A 136 -7.41 5.46 21.61
C PRO A 136 -5.91 5.29 21.45
N GLU A 137 -5.25 6.39 21.77
CA GLU A 137 -3.81 6.47 21.68
C GLU A 137 -3.10 5.23 22.19
N ASP A 138 -3.68 4.72 23.25
CA ASP A 138 -3.15 3.54 23.87
C ASP A 138 -3.14 2.25 23.10
N THR A 139 -3.88 2.20 22.00
CA THR A 139 -3.91 1.01 21.19
C THR A 139 -2.85 1.11 20.08
N THR A 140 -2.05 2.17 20.12
CA THR A 140 -1.01 2.36 19.13
C THR A 140 0.10 1.34 19.32
N PRO A 141 0.37 0.62 18.24
CA PRO A 141 1.40 -0.40 18.28
C PRO A 141 2.81 0.20 18.42
N ASP A 142 3.74 -0.53 19.02
CA ASP A 142 5.06 0.06 19.13
C ASP A 142 5.73 0.05 17.77
N ASN A 143 6.80 0.83 17.57
CA ASN A 143 7.48 0.80 16.29
C ASN A 143 8.24 -0.50 16.20
N GLY A 144 8.54 -0.89 14.97
CA GLY A 144 9.27 -2.11 14.76
C GLY A 144 8.56 -3.25 14.09
N ARG A 145 7.29 -3.06 13.78
CA ARG A 145 6.52 -4.11 13.13
C ARG A 145 6.53 -4.11 11.60
N LEU A 146 7.12 -3.08 10.95
CA LEU A 146 7.20 -2.95 9.49
C LEU A 146 8.49 -3.60 8.99
N PRO A 147 8.55 -4.20 7.80
CA PRO A 147 9.79 -4.85 7.40
C PRO A 147 11.01 -4.07 6.97
N ASP A 148 12.15 -4.72 7.18
CA ASP A 148 13.37 -4.09 6.75
C ASP A 148 13.59 -4.47 5.30
N ALA A 149 14.26 -3.63 4.53
CA ALA A 149 14.47 -3.96 3.13
C ALA A 149 15.80 -4.60 2.84
N ASP A 150 16.69 -4.65 3.80
CA ASP A 150 17.99 -5.22 3.52
C ASP A 150 18.12 -6.71 3.78
N LYS A 151 17.16 -7.54 3.40
CA LYS A 151 17.23 -8.97 3.66
C LYS A 151 16.86 -9.76 2.46
N ASP A 152 16.69 -11.05 2.75
CA ASP A 152 16.36 -12.03 1.75
C ASP A 152 15.00 -12.69 1.82
N ALA A 153 14.75 -13.56 0.84
CA ALA A 153 13.49 -14.28 0.69
C ALA A 153 12.94 -14.94 1.94
N GLY A 154 13.86 -15.50 2.72
CA GLY A 154 13.43 -16.16 3.93
C GLY A 154 12.82 -15.21 4.94
N TYR A 155 13.48 -14.06 4.94
CA TYR A 155 13.04 -13.02 5.83
C TYR A 155 11.63 -12.65 5.41
N VAL A 156 11.49 -12.39 4.11
CA VAL A 156 10.24 -12.04 3.46
C VAL A 156 9.10 -12.99 3.76
N ARG A 157 9.40 -14.28 3.58
CA ARG A 157 8.42 -15.32 3.82
C ARG A 157 7.89 -15.28 5.23
N THR A 158 8.81 -15.27 6.17
CA THR A 158 8.52 -15.25 7.58
C THR A 158 7.75 -14.04 8.01
N PHE A 159 8.26 -12.90 7.58
CA PHE A 159 7.61 -11.68 7.93
C PHE A 159 6.14 -11.67 7.53
N PHE A 160 5.95 -11.97 6.26
CA PHE A 160 4.62 -11.97 5.74
C PHE A 160 3.69 -12.91 6.43
N GLN A 161 4.31 -13.93 6.96
CA GLN A 161 3.51 -14.88 7.66
C GLN A 161 2.76 -14.26 8.81
N ARG A 162 3.38 -13.32 9.50
CA ARG A 162 2.70 -12.69 10.60
C ARG A 162 1.38 -12.03 10.16
N LEU A 163 1.22 -11.74 8.87
CA LEU A 163 0.02 -11.08 8.35
C LEU A 163 -0.85 -12.05 7.62
N ASN A 164 -0.55 -13.31 7.85
CA ASN A 164 -1.37 -14.26 7.17
C ASN A 164 -1.20 -14.34 5.65
N MET A 165 -0.08 -13.90 5.08
CA MET A 165 0.01 -13.98 3.64
C MET A 165 0.91 -15.14 3.15
N ASN A 166 0.47 -15.90 2.15
CA ASN A 166 1.23 -17.00 1.57
C ASN A 166 2.07 -16.53 0.37
N ASP A 167 2.91 -17.39 -0.23
CA ASP A 167 3.72 -16.98 -1.37
C ASP A 167 3.03 -16.19 -2.47
N ARG A 168 1.93 -16.71 -3.02
CA ARG A 168 1.21 -16.01 -4.06
C ARG A 168 0.84 -14.58 -3.64
N GLU A 169 0.31 -14.46 -2.41
CA GLU A 169 -0.07 -13.17 -1.83
C GLU A 169 1.09 -12.17 -1.73
N VAL A 170 2.22 -12.59 -1.16
CA VAL A 170 3.37 -11.71 -1.03
C VAL A 170 3.91 -11.24 -2.40
N VAL A 171 3.96 -12.13 -3.43
CA VAL A 171 4.48 -11.75 -4.75
C VAL A 171 3.62 -10.70 -5.42
N ALA A 172 2.32 -10.92 -5.25
CA ALA A 172 1.28 -10.06 -5.78
C ALA A 172 1.47 -8.64 -5.22
N LEU A 173 1.33 -8.56 -3.91
CA LEU A 173 1.48 -7.34 -3.15
C LEU A 173 2.77 -6.61 -3.50
N MET A 174 3.83 -7.38 -3.75
CA MET A 174 5.09 -6.77 -4.08
C MET A 174 5.10 -6.02 -5.40
N GLY A 175 4.20 -6.38 -6.29
CA GLY A 175 4.16 -5.71 -7.56
C GLY A 175 3.82 -4.23 -7.42
N ALA A 176 3.55 -3.79 -6.20
CA ALA A 176 3.21 -2.41 -5.94
C ALA A 176 4.47 -1.59 -6.08
N HIS A 177 5.55 -2.35 -6.06
CA HIS A 177 6.81 -1.70 -6.19
C HIS A 177 7.10 -1.30 -7.62
N ALA A 178 6.07 -1.14 -8.45
CA ALA A 178 6.27 -0.72 -9.82
C ALA A 178 6.02 0.77 -9.66
N LEU A 179 5.42 1.15 -8.53
CA LEU A 179 5.10 2.56 -8.31
C LEU A 179 6.01 3.47 -7.48
N GLY A 180 6.19 4.73 -7.85
CA GLY A 180 7.04 5.53 -6.99
C GLY A 180 8.52 5.28 -7.05
N LYS A 181 9.17 5.60 -5.94
CA LYS A 181 10.59 5.41 -5.91
C LYS A 181 10.99 5.44 -4.45
N THR A 182 12.30 5.28 -4.22
CA THR A 182 12.94 5.28 -2.91
C THR A 182 13.56 6.65 -2.76
N HIS A 183 13.61 7.18 -1.54
CA HIS A 183 14.16 8.49 -1.26
C HIS A 183 15.18 8.35 -0.16
N LEU A 184 16.39 8.73 -0.55
CA LEU A 184 17.49 8.68 0.36
C LEU A 184 17.22 9.16 1.76
N LYS A 185 16.61 10.33 1.90
CA LYS A 185 16.36 10.82 3.24
C LYS A 185 15.32 10.00 3.97
N ASN A 186 14.44 9.34 3.26
CA ASN A 186 13.48 8.56 3.99
C ASN A 186 14.02 7.21 4.43
N SER A 187 14.36 6.37 3.46
CA SER A 187 14.82 5.04 3.78
C SER A 187 16.28 4.65 3.67
N GLY A 188 17.09 5.47 3.04
CA GLY A 188 18.46 5.05 2.94
C GLY A 188 18.63 4.39 1.59
N TYR A 189 17.64 4.59 0.71
CA TYR A 189 17.61 4.06 -0.65
C TYR A 189 17.28 5.17 -1.61
N GLU A 190 17.83 5.07 -2.82
CA GLU A 190 17.54 6.13 -3.78
C GLU A 190 17.25 5.70 -5.21
N GLY A 191 16.19 6.19 -5.90
CA GLY A 191 15.93 5.81 -7.29
C GLY A 191 14.55 5.25 -7.60
N PRO A 192 14.06 5.55 -8.79
CA PRO A 192 12.75 5.06 -9.19
C PRO A 192 12.81 3.55 -9.30
N PHE A 193 11.69 2.86 -9.06
CA PHE A 193 11.66 1.42 -9.19
C PHE A 193 11.50 1.05 -10.66
N GLY A 194 10.80 1.84 -11.45
CA GLY A 194 10.65 1.51 -12.85
C GLY A 194 10.52 2.73 -13.72
N ALA A 195 9.89 2.53 -14.87
CA ALA A 195 9.72 3.62 -15.80
C ALA A 195 8.40 4.37 -15.74
N ALA A 196 7.28 3.68 -15.65
CA ALA A 196 6.03 4.41 -15.62
C ALA A 196 5.86 5.23 -14.38
N ASN A 197 6.23 4.69 -13.22
CA ASN A 197 6.14 5.39 -11.96
C ASN A 197 4.76 5.70 -11.41
N ASN A 198 3.79 6.13 -12.21
CA ASN A 198 2.48 6.44 -11.67
C ASN A 198 1.31 5.83 -12.42
N VAL A 199 1.64 4.80 -13.16
CA VAL A 199 0.70 4.01 -13.91
C VAL A 199 0.93 2.62 -13.36
N PHE A 200 -0.13 1.93 -12.95
CA PHE A 200 -0.14 0.58 -12.39
C PHE A 200 -0.19 -0.49 -13.45
N THR A 201 0.90 -1.25 -13.53
CA THR A 201 1.06 -2.34 -14.48
C THR A 201 1.91 -3.46 -13.90
N ASN A 202 2.23 -4.50 -14.67
CA ASN A 202 3.04 -5.59 -14.17
C ASN A 202 4.51 -5.33 -14.41
N GLU A 203 4.79 -4.06 -14.67
CA GLU A 203 6.16 -3.63 -14.90
C GLU A 203 7.22 -4.27 -13.99
N PHE A 204 6.92 -4.28 -12.70
CA PHE A 204 7.82 -4.85 -11.72
C PHE A 204 8.38 -6.22 -12.02
N TYR A 205 7.49 -7.08 -12.47
CA TYR A 205 7.87 -8.43 -12.82
C TYR A 205 8.76 -8.42 -14.05
N LEU A 206 8.38 -7.66 -15.07
CA LEU A 206 9.19 -7.63 -16.26
C LEU A 206 10.54 -7.05 -15.95
N ASN A 207 10.55 -5.95 -15.19
CA ASN A 207 11.86 -5.41 -14.88
C ASN A 207 12.75 -6.39 -14.16
N LEU A 208 12.13 -7.12 -13.24
CA LEU A 208 12.94 -8.08 -12.55
C LEU A 208 13.53 -9.11 -13.49
N LEU A 209 12.77 -9.65 -14.45
CA LEU A 209 13.32 -10.64 -15.36
C LEU A 209 14.20 -10.08 -16.47
N ASN A 210 13.86 -8.92 -17.04
CA ASN A 210 14.64 -8.37 -18.13
C ASN A 210 15.79 -7.37 -17.98
N GLU A 211 16.02 -6.77 -16.84
CA GLU A 211 17.11 -5.83 -16.72
C GLU A 211 18.35 -6.55 -16.31
N ASP A 212 19.44 -5.81 -16.50
CA ASP A 212 20.79 -6.21 -16.20
C ASP A 212 21.08 -5.42 -14.96
N TRP A 213 20.83 -6.02 -13.79
CA TRP A 213 21.03 -5.45 -12.48
C TRP A 213 22.45 -5.65 -11.97
N LYS A 214 22.97 -4.65 -11.29
CA LYS A 214 24.29 -4.67 -10.72
C LYS A 214 24.14 -4.30 -9.25
N LEU A 215 24.79 -5.08 -8.42
CA LEU A 215 24.69 -4.78 -7.02
C LEU A 215 25.63 -3.63 -6.68
N GLU A 216 25.12 -2.58 -6.03
CA GLU A 216 26.01 -1.49 -5.68
C GLU A 216 25.69 -0.86 -4.35
N LYS A 217 26.59 -0.08 -3.79
CA LYS A 217 26.27 0.58 -2.53
C LYS A 217 25.82 2.01 -2.87
N ASN A 218 24.87 2.60 -2.13
CA ASN A 218 24.43 3.96 -2.40
C ASN A 218 25.11 4.95 -1.47
N ASP A 219 24.77 6.23 -1.64
CA ASP A 219 25.37 7.22 -0.79
C ASP A 219 24.96 7.03 0.67
N ALA A 220 24.03 6.12 0.96
CA ALA A 220 23.64 5.92 2.35
C ALA A 220 24.44 4.76 2.92
N ASN A 221 25.17 4.14 2.00
CA ASN A 221 26.00 3.02 2.32
C ASN A 221 25.23 1.73 2.49
N ASN A 222 24.16 1.61 1.73
CA ASN A 222 23.35 0.42 1.75
C ASN A 222 23.37 -0.17 0.36
N GLU A 223 23.22 -1.47 0.35
CA GLU A 223 23.23 -2.08 -0.94
C GLU A 223 21.89 -2.04 -1.58
N GLN A 224 21.98 -1.83 -2.88
CA GLN A 224 20.81 -1.80 -3.71
C GLN A 224 21.23 -2.29 -5.09
N TRP A 225 20.27 -2.90 -5.78
CA TRP A 225 20.43 -3.41 -7.12
C TRP A 225 20.12 -2.26 -8.10
N ASP A 226 21.07 -1.97 -8.96
CA ASP A 226 20.91 -0.89 -9.91
C ASP A 226 20.95 -1.40 -11.34
N SER A 227 20.01 -0.87 -12.13
CA SER A 227 19.91 -1.26 -13.52
C SER A 227 20.44 -0.21 -14.48
N LYS A 228 20.84 -0.69 -15.66
CA LYS A 228 21.37 0.25 -16.64
C LYS A 228 20.34 1.27 -17.11
N SER A 229 19.07 0.89 -17.14
CA SER A 229 18.04 1.81 -17.56
C SER A 229 17.90 2.84 -16.46
N GLY A 230 18.60 2.72 -15.34
CA GLY A 230 18.42 3.74 -14.31
C GLY A 230 17.46 3.40 -13.16
N TYR A 231 16.82 2.23 -13.17
CA TYR A 231 15.91 1.86 -12.10
C TYR A 231 16.67 1.28 -10.93
N MET A 232 15.97 0.97 -9.85
CA MET A 232 16.51 0.36 -8.63
C MET A 232 15.53 -0.69 -8.09
N MET A 233 16.07 -1.63 -7.30
CA MET A 233 15.32 -2.69 -6.65
C MET A 233 15.96 -2.92 -5.29
N LEU A 234 15.17 -3.08 -4.23
CA LEU A 234 15.72 -3.33 -2.92
C LEU A 234 16.15 -4.78 -2.84
N PRO A 235 16.99 -5.09 -1.86
CA PRO A 235 17.43 -6.46 -1.71
C PRO A 235 16.18 -7.34 -1.51
N THR A 236 15.22 -6.90 -0.70
CA THR A 236 14.04 -7.73 -0.54
C THR A 236 13.31 -7.95 -1.87
N ASP A 237 13.36 -6.96 -2.75
CA ASP A 237 12.70 -7.12 -4.04
C ASP A 237 13.41 -8.16 -4.88
N TYR A 238 14.74 -7.99 -4.95
CA TYR A 238 15.58 -8.91 -5.72
C TYR A 238 15.48 -10.36 -5.24
N SER A 239 15.35 -10.57 -3.93
CA SER A 239 15.22 -11.90 -3.38
C SER A 239 14.03 -12.61 -4.05
N LEU A 240 13.09 -11.86 -4.66
CA LEU A 240 12.00 -12.61 -5.28
C LEU A 240 12.49 -13.45 -6.45
N ILE A 241 13.65 -13.08 -6.99
CA ILE A 241 14.10 -13.88 -8.11
C ILE A 241 15.12 -14.89 -7.67
N GLN A 242 15.53 -14.81 -6.41
CA GLN A 242 16.49 -15.73 -5.87
C GLN A 242 15.77 -16.95 -5.35
N ASP A 243 14.53 -16.88 -4.91
CA ASP A 243 13.79 -18.01 -4.39
C ASP A 243 12.99 -18.69 -5.49
N PRO A 244 13.18 -19.98 -5.62
CA PRO A 244 12.52 -20.82 -6.61
C PRO A 244 10.99 -20.75 -6.60
N LYS A 245 10.45 -20.64 -5.40
CA LYS A 245 9.01 -20.57 -5.34
C LYS A 245 8.57 -19.18 -5.78
N TYR A 246 9.29 -18.19 -5.28
CA TYR A 246 8.85 -16.89 -5.69
C TYR A 246 9.01 -16.61 -7.18
N LEU A 247 10.13 -17.08 -7.70
CA LEU A 247 10.47 -16.92 -9.08
C LEU A 247 9.41 -17.40 -10.08
N SER A 248 8.85 -18.58 -9.82
CA SER A 248 7.83 -19.03 -10.75
C SER A 248 6.64 -18.11 -10.71
N ILE A 249 6.41 -17.47 -9.55
CA ILE A 249 5.28 -16.58 -9.46
C ILE A 249 5.57 -15.32 -10.24
N VAL A 250 6.76 -14.78 -10.07
CA VAL A 250 7.13 -13.59 -10.82
C VAL A 250 6.96 -13.89 -12.33
N LYS A 251 7.31 -15.10 -12.79
CA LYS A 251 7.17 -15.42 -14.21
C LYS A 251 5.71 -15.37 -14.66
N GLU A 252 4.86 -15.84 -13.79
CA GLU A 252 3.46 -15.85 -14.14
C GLU A 252 2.91 -14.44 -14.42
N TYR A 253 3.22 -13.56 -13.47
CA TYR A 253 2.83 -12.15 -13.47
C TYR A 253 3.43 -11.37 -14.61
N ALA A 254 4.68 -11.72 -14.92
CA ALA A 254 5.40 -11.09 -15.99
C ALA A 254 4.64 -11.52 -17.23
N ASN A 255 4.05 -12.72 -17.23
CA ASN A 255 3.32 -13.16 -18.41
C ASN A 255 1.85 -12.81 -18.45
N ASP A 256 1.29 -12.50 -17.31
CA ASP A 256 -0.12 -12.19 -17.39
C ASP A 256 -0.54 -11.10 -16.42
N GLN A 257 -0.59 -9.86 -16.93
CA GLN A 257 -0.96 -8.70 -16.16
C GLN A 257 -2.32 -8.96 -15.55
N ASP A 258 -3.15 -9.56 -16.36
CA ASP A 258 -4.46 -9.86 -15.90
C ASP A 258 -4.52 -10.69 -14.62
N LYS A 259 -3.78 -11.78 -14.62
CA LYS A 259 -3.74 -12.64 -13.46
C LYS A 259 -3.21 -11.86 -12.27
N PHE A 260 -2.20 -11.04 -12.52
CA PHE A 260 -1.62 -10.26 -11.44
C PHE A 260 -2.63 -9.31 -10.83
N PHE A 261 -3.32 -8.59 -11.70
CA PHE A 261 -4.31 -7.62 -11.28
C PHE A 261 -5.33 -8.33 -10.38
N LYS A 262 -5.82 -9.49 -10.82
CA LYS A 262 -6.78 -10.25 -10.02
C LYS A 262 -6.17 -10.61 -8.68
N ASP A 263 -4.98 -11.18 -8.72
CA ASP A 263 -4.36 -11.56 -7.48
C ASP A 263 -4.08 -10.43 -6.51
N PHE A 264 -3.61 -9.30 -7.05
CA PHE A 264 -3.27 -8.13 -6.27
C PHE A 264 -4.45 -7.50 -5.53
N SER A 265 -5.48 -7.53 -6.32
CA SER A 265 -6.72 -7.01 -5.88
C SER A 265 -7.17 -7.72 -4.61
N LYS A 266 -7.25 -9.05 -4.67
CA LYS A 266 -7.68 -9.87 -3.56
C LYS A 266 -6.82 -9.70 -2.34
N ALA A 267 -5.54 -9.70 -2.69
CA ALA A 267 -4.55 -9.56 -1.66
C ALA A 267 -4.56 -8.23 -0.97
N PHE A 268 -4.75 -7.18 -1.78
CA PHE A 268 -4.77 -5.83 -1.27
C PHE A 268 -5.90 -5.66 -0.25
N GLU A 269 -7.06 -6.16 -0.68
CA GLU A 269 -8.23 -6.08 0.16
C GLU A 269 -7.98 -6.82 1.46
N LYS A 270 -7.48 -8.02 1.29
CA LYS A 270 -7.21 -8.82 2.45
C LYS A 270 -6.28 -8.09 3.40
N LEU A 271 -5.22 -7.52 2.84
CA LEU A 271 -4.29 -6.78 3.68
C LEU A 271 -4.98 -5.69 4.51
N LEU A 272 -5.84 -4.94 3.83
CA LEU A 272 -6.54 -3.85 4.49
C LEU A 272 -7.67 -4.23 5.41
N GLU A 273 -8.02 -5.50 5.41
CA GLU A 273 -9.10 -5.93 6.26
C GLU A 273 -8.55 -6.76 7.43
N ASN A 274 -7.24 -7.06 7.43
CA ASN A 274 -6.75 -7.88 8.55
C ASN A 274 -7.09 -7.38 9.94
N GLY A 275 -7.55 -8.26 10.83
CA GLY A 275 -7.91 -7.82 12.17
C GLY A 275 -9.33 -7.29 12.28
N ILE A 276 -10.04 -7.25 11.15
CA ILE A 276 -11.40 -6.75 11.28
C ILE A 276 -12.46 -7.81 11.18
N THR A 277 -13.43 -7.69 12.09
CA THR A 277 -14.55 -8.59 12.15
C THR A 277 -15.78 -7.90 11.57
N PHE A 278 -16.30 -8.43 10.47
CA PHE A 278 -17.49 -7.83 9.89
C PHE A 278 -18.71 -8.67 10.21
N PRO A 279 -19.65 -8.07 10.95
CA PRO A 279 -20.90 -8.68 11.38
C PRO A 279 -21.69 -9.09 10.15
N LYS A 280 -22.53 -10.11 10.31
CA LYS A 280 -23.33 -10.61 9.22
C LYS A 280 -24.24 -9.63 8.51
N ASP A 281 -24.66 -8.57 9.20
CA ASP A 281 -25.54 -7.59 8.57
C ASP A 281 -24.83 -6.47 7.79
N ALA A 282 -23.51 -6.39 7.96
CA ALA A 282 -22.69 -5.38 7.29
C ALA A 282 -22.95 -5.39 5.79
N PRO A 283 -22.86 -4.20 5.20
CA PRO A 283 -23.05 -4.08 3.77
C PRO A 283 -21.90 -4.82 3.09
N SER A 284 -22.16 -5.21 1.85
CA SER A 284 -21.12 -5.89 1.11
C SER A 284 -20.04 -4.84 0.87
N PRO A 285 -18.92 -5.31 0.36
CA PRO A 285 -17.85 -4.39 0.05
C PRO A 285 -18.33 -3.52 -1.09
N PHE A 286 -17.77 -2.32 -1.14
CA PHE A 286 -18.16 -1.44 -2.21
C PHE A 286 -17.11 -1.44 -3.31
N ILE A 287 -17.58 -1.20 -4.54
CA ILE A 287 -16.77 -1.09 -5.74
C ILE A 287 -17.01 0.31 -6.30
N PHE A 288 -16.10 1.23 -6.02
CA PHE A 288 -16.20 2.61 -6.48
C PHE A 288 -15.93 2.82 -7.95
N LYS A 289 -16.66 3.79 -8.52
CA LYS A 289 -16.44 4.10 -9.93
C LYS A 289 -15.28 5.08 -10.00
N THR A 290 -14.49 5.05 -11.08
CA THR A 290 -13.37 5.97 -11.20
C THR A 290 -13.93 7.31 -11.71
N LEU A 291 -13.13 8.38 -11.65
CA LEU A 291 -13.58 9.67 -12.14
C LEU A 291 -14.00 9.48 -13.57
N GLU A 292 -13.19 8.70 -14.26
CA GLU A 292 -13.47 8.43 -15.65
C GLU A 292 -14.77 7.75 -15.88
N GLU A 293 -15.09 6.77 -15.05
CA GLU A 293 -16.36 6.10 -15.26
C GLU A 293 -17.54 6.97 -14.96
N GLN A 294 -17.25 8.03 -14.22
CA GLN A 294 -18.34 8.90 -13.88
C GLN A 294 -18.35 10.09 -14.83
N GLY A 295 -17.35 10.21 -15.71
CA GLY A 295 -17.32 11.36 -16.61
C GLY A 295 -16.98 12.68 -15.85
N LEU A 296 -16.09 12.62 -14.86
CA LEU A 296 -15.70 13.79 -14.07
C LEU A 296 -14.21 14.13 -14.24
O1 OXY B . 6.76 -0.24 1.35
O2 OXY B . 7.35 0.33 2.35
CHA HEM C . 8.46 2.35 -1.24
CHB HEM C . 10.33 -1.13 1.71
CHC HEM C . 6.39 -3.62 0.73
CHD HEM C . 4.28 -0.03 -1.65
C1A HEM C . 9.11 1.60 -0.27
C2A HEM C . 10.36 2.10 0.25
C3A HEM C . 10.96 1.06 0.86
C4A HEM C . 10.03 -0.04 0.90
CMA HEM C . 12.19 1.05 1.75
CAA HEM C . 10.87 3.54 -0.10
CBA HEM C . 10.35 4.71 0.76
CGA HEM C . 11.06 6.03 0.53
O1A HEM C . 12.30 6.14 0.73
O2A HEM C . 10.38 7.06 0.29
C1B HEM C . 9.42 -2.15 1.57
C2B HEM C . 9.61 -3.47 2.08
C3B HEM C . 8.55 -4.18 1.73
C4B HEM C . 7.72 -3.36 0.90
CMB HEM C . 10.80 -3.84 2.99
CAB HEM C . 8.22 -5.64 2.01
CBB HEM C . 9.21 -6.36 2.48
C1C HEM C . 5.43 -2.90 0.05
C2C HEM C . 4.10 -3.36 -0.29
C3C HEM C . 3.46 -2.26 -0.75
C4C HEM C . 4.48 -1.28 -1.09
CMC HEM C . 3.38 -4.63 0.26
CAC HEM C . 1.98 -2.18 -1.19
CBC HEM C . 1.31 -3.22 -1.68
C1D HEM C . 5.31 0.86 -1.88
C2D HEM C . 5.19 2.11 -2.61
C3D HEM C . 6.33 2.78 -2.42
C4D HEM C . 7.21 1.96 -1.64
CMD HEM C . 4.11 2.39 -3.64
CAD HEM C . 6.83 4.03 -3.13
CBD HEM C . 6.48 5.27 -2.30
CGD HEM C . 6.81 6.61 -2.88
O1D HEM C . 6.90 7.43 -1.94
O2D HEM C . 7.01 6.66 -4.13
NA HEM C . 8.92 0.28 0.15
NB HEM C . 8.30 -2.13 0.77
NC HEM C . 5.68 -1.69 -0.56
ND HEM C . 6.43 0.96 -1.08
FE HEM C . 7.36 -0.68 -0.30
#